data_7X4T
#
_entry.id   7X4T
#
_cell.length_a   157.495
_cell.length_b   72.910
_cell.length_c   66.280
_cell.angle_alpha   90.000
_cell.angle_beta   90.000
_cell.angle_gamma   90.000
#
_symmetry.space_group_name_H-M   'P 21 21 2'
#
loop_
_entity.id
_entity.type
_entity.pdbx_description
1 polymer 'Cyclic dipyrimidine nucleotide synthase'
2 non-polymer "5'-O-[(S)-hydroxy{[(S)-hydroxy(phosphonooxy)phosphoryl]amino}phosphoryl]uridine"
3 non-polymer 'MAGNESIUM ION'
4 non-polymer 'SULFATE ION'
5 non-polymer GLYCEROL
6 water water
#
_entity_poly.entity_id   1
_entity_poly.type   'polypeptide(L)'
_entity_poly.pdbx_seq_one_letter_code
;MSIDWEQTFRKWSKPSSETESTKAENAERMIKAAINSSQILSTKDISVFPQGSYRNNTNVREDSDVDICVCLNTLVLSDY
SLVPGMNDKLAELRTASYTYKQFKSDLETALKNKFGTLGVSRGDKAFDVHANSYRVDADVVPAIQGRLYYDKNHNAFIRG
TCIKPDSGGTIYNWPEQNYSNGVNKNKSTGNRFKLIVRAIKRLRNHLAEKGYNTAKPIPSYLMECLVYIVPDQYFTGDSY
KTNVENCINYLYNQIDSSDWTEINEIKYLFGSHQMWNKTQVKEFLLTAWSYIQKNLEHHHHHH
;
_entity_poly.pdbx_strand_id   A,B
#
# COMPACT_ATOMS: atom_id res chain seq x y z
N ILE A 3 -9.21 28.62 29.34
CA ILE A 3 -9.94 27.90 28.31
C ILE A 3 -11.36 27.60 28.78
N ASP A 4 -12.34 28.20 28.11
CA ASP A 4 -13.73 27.87 28.37
C ASP A 4 -14.05 26.50 27.79
N TRP A 5 -13.94 25.46 28.60
CA TRP A 5 -14.09 24.10 28.06
C TRP A 5 -15.53 23.80 27.68
N GLU A 6 -16.51 24.44 28.33
CA GLU A 6 -17.89 24.22 27.93
C GLU A 6 -18.12 24.72 26.51
N GLN A 7 -17.68 25.95 26.23
CA GLN A 7 -17.84 26.50 24.89
C GLN A 7 -16.96 25.77 23.88
N THR A 8 -15.75 25.38 24.29
CA THR A 8 -14.87 24.66 23.37
C THR A 8 -15.45 23.30 23.01
N PHE A 9 -15.96 22.56 23.98
CA PHE A 9 -16.54 21.25 23.69
C PHE A 9 -17.81 21.39 22.87
N ARG A 10 -18.62 22.43 23.12
CA ARG A 10 -19.80 22.65 22.29
C ARG A 10 -19.39 22.94 20.85
N LYS A 11 -18.33 23.73 20.65
CA LYS A 11 -17.84 23.99 19.30
C LYS A 11 -17.30 22.73 18.65
N TRP A 12 -16.57 21.92 19.42
CA TRP A 12 -15.97 20.67 18.93
C TRP A 12 -16.98 19.54 18.74
N SER A 13 -18.23 19.72 19.17
CA SER A 13 -19.23 18.68 18.97
C SER A 13 -19.88 18.74 17.60
N LYS A 14 -19.59 19.77 16.80
CA LYS A 14 -20.21 19.92 15.50
C LYS A 14 -19.72 18.86 14.52
N PRO A 15 -20.49 18.59 13.47
CA PRO A 15 -19.96 17.76 12.37
C PRO A 15 -18.78 18.43 11.69
N SER A 16 -18.04 17.64 10.91
CA SER A 16 -16.94 18.22 10.15
C SER A 16 -17.43 19.25 9.15
N SER A 17 -18.68 19.11 8.69
CA SER A 17 -19.34 20.04 7.79
C SER A 17 -20.81 19.64 7.73
N GLU A 18 -21.59 20.41 6.98
CA GLU A 18 -22.99 20.07 6.74
C GLU A 18 -23.19 19.26 5.48
N THR A 19 -22.13 19.01 4.70
CA THR A 19 -22.22 18.29 3.43
C THR A 19 -21.70 16.86 3.54
N GLU A 20 -21.63 16.31 4.76
CA GLU A 20 -21.13 14.96 4.95
C GLU A 20 -21.97 13.94 4.20
N SER A 21 -23.30 14.08 4.27
CA SER A 21 -24.17 13.18 3.53
C SER A 21 -23.92 13.30 2.04
N THR A 22 -23.63 14.51 1.57
CA THR A 22 -23.35 14.72 0.15
C THR A 22 -22.08 13.98 -0.27
N LYS A 23 -20.99 14.15 0.49
CA LYS A 23 -19.74 13.46 0.17
C LYS A 23 -19.92 11.95 0.22
N ALA A 24 -20.58 11.45 1.26
CA ALA A 24 -20.77 10.01 1.38
C ALA A 24 -21.59 9.45 0.23
N GLU A 25 -22.71 10.12 -0.10
CA GLU A 25 -23.55 9.62 -1.19
C GLU A 25 -22.82 9.71 -2.52
N ASN A 26 -22.04 10.78 -2.73
CA ASN A 26 -21.32 10.89 -3.99
C ASN A 26 -20.25 9.80 -4.13
N ALA A 27 -19.52 9.52 -3.05
CA ALA A 27 -18.57 8.42 -3.07
C ALA A 27 -19.27 7.09 -3.34
N GLU A 28 -20.36 6.83 -2.63
CA GLU A 28 -21.11 5.59 -2.82
C GLU A 28 -21.58 5.46 -4.27
N ARG A 29 -22.15 6.53 -4.84
CA ARG A 29 -22.70 6.43 -6.18
C ARG A 29 -21.60 6.25 -7.22
N MET A 30 -20.46 6.92 -7.04
CA MET A 30 -19.38 6.74 -8.01
C MET A 30 -18.77 5.34 -7.90
N ILE A 31 -18.66 4.78 -6.70
CA ILE A 31 -18.12 3.43 -6.58
C ILE A 31 -19.10 2.42 -7.16
N LYS A 32 -20.40 2.63 -6.95
CA LYS A 32 -21.40 1.78 -7.58
C LYS A 32 -21.30 1.86 -9.10
N ALA A 33 -21.06 3.07 -9.62
CA ALA A 33 -20.93 3.23 -11.07
C ALA A 33 -19.69 2.50 -11.58
N ALA A 34 -18.60 2.55 -10.82
CA ALA A 34 -17.40 1.80 -11.19
C ALA A 34 -17.69 0.31 -11.26
N ILE A 35 -18.45 -0.22 -10.29
CA ILE A 35 -18.81 -1.62 -10.32
C ILE A 35 -19.70 -1.93 -11.51
N ASN A 36 -20.70 -1.08 -11.76
CA ASN A 36 -21.66 -1.34 -12.83
C ASN A 36 -21.03 -1.26 -14.20
N SER A 37 -19.92 -0.54 -14.35
CA SER A 37 -19.23 -0.47 -15.63
C SER A 37 -18.28 -1.65 -15.85
N SER A 38 -18.01 -2.44 -14.82
CA SER A 38 -17.14 -3.61 -14.94
C SER A 38 -17.97 -4.79 -15.42
N GLN A 39 -17.63 -5.35 -16.58
CA GLN A 39 -18.41 -6.49 -17.06
C GLN A 39 -18.26 -7.72 -16.17
N ILE A 40 -17.16 -7.83 -15.43
CA ILE A 40 -17.02 -8.94 -14.50
C ILE A 40 -17.82 -8.68 -13.22
N LEU A 41 -17.63 -7.51 -12.60
CA LEU A 41 -18.20 -7.27 -11.28
C LEU A 41 -19.69 -6.95 -11.35
N SER A 42 -20.17 -6.41 -12.48
CA SER A 42 -21.58 -6.05 -12.58
C SER A 42 -22.49 -7.28 -12.54
N THR A 43 -21.95 -8.46 -12.81
CA THR A 43 -22.72 -9.70 -12.74
C THR A 43 -22.66 -10.35 -11.36
N LYS A 44 -21.83 -9.85 -10.45
CA LYS A 44 -21.66 -10.45 -9.14
C LYS A 44 -22.66 -9.87 -8.14
N ASP A 45 -22.86 -10.60 -7.04
CA ASP A 45 -23.73 -10.17 -5.94
C ASP A 45 -22.89 -9.35 -4.97
N ILE A 46 -22.91 -8.03 -5.16
CA ILE A 46 -22.04 -7.11 -4.43
C ILE A 46 -22.88 -6.00 -3.80
N SER A 47 -22.64 -5.74 -2.51
CA SER A 47 -23.23 -4.60 -1.83
C SER A 47 -22.19 -3.51 -1.64
N VAL A 48 -22.53 -2.29 -2.04
CA VAL A 48 -21.66 -1.12 -1.90
C VAL A 48 -22.33 -0.19 -0.90
N PHE A 49 -21.66 0.06 0.22
CA PHE A 49 -22.32 0.89 1.22
C PHE A 49 -21.30 1.68 2.02
N PRO A 50 -21.66 2.86 2.52
CA PRO A 50 -20.74 3.61 3.37
C PRO A 50 -20.67 3.04 4.78
N GLN A 51 -19.49 3.18 5.37
CA GLN A 51 -19.23 2.79 6.75
C GLN A 51 -18.34 3.86 7.37
N GLY A 52 -17.79 3.57 8.55
CA GLY A 52 -16.88 4.53 9.15
C GLY A 52 -17.61 5.78 9.66
N SER A 53 -16.81 6.83 9.90
CA SER A 53 -17.33 7.99 10.62
C SER A 53 -18.28 8.82 9.78
N TYR A 54 -18.17 8.80 8.44
CA TYR A 54 -19.16 9.51 7.64
C TYR A 54 -20.53 8.86 7.77
N ARG A 55 -20.57 7.52 7.71
CA ARG A 55 -21.82 6.81 7.91
C ARG A 55 -22.35 7.03 9.33
N ASN A 56 -21.48 6.97 10.32
CA ASN A 56 -21.92 7.04 11.70
C ASN A 56 -22.11 8.47 12.21
N ASN A 57 -21.86 9.47 11.36
CA ASN A 57 -21.98 10.89 11.75
C ASN A 57 -21.06 11.24 12.91
N THR A 58 -19.89 10.61 12.96
CA THR A 58 -18.90 10.92 13.99
C THR A 58 -17.63 11.53 13.41
N ASN A 59 -17.65 11.88 12.12
CA ASN A 59 -16.49 12.46 11.48
C ASN A 59 -16.28 13.91 11.95
N VAL A 60 -15.02 14.27 12.20
CA VAL A 60 -14.69 15.63 12.61
C VAL A 60 -13.69 16.31 11.70
N ARG A 61 -13.00 15.57 10.83
CA ARG A 61 -12.00 16.15 9.92
C ARG A 61 -12.58 16.24 8.52
N GLU A 62 -12.49 17.44 7.94
CA GLU A 62 -13.02 17.64 6.60
C GLU A 62 -12.22 16.86 5.55
N ASP A 63 -10.93 16.67 5.76
CA ASP A 63 -10.09 15.91 4.83
C ASP A 63 -10.14 14.41 5.07
N SER A 64 -11.05 13.92 5.90
CA SER A 64 -11.18 12.49 6.12
C SER A 64 -11.76 11.83 4.86
N ASP A 65 -11.16 10.72 4.43
CA ASP A 65 -11.68 9.99 3.29
C ASP A 65 -12.98 9.28 3.68
N VAL A 66 -13.91 9.18 2.73
CA VAL A 66 -15.15 8.46 2.98
C VAL A 66 -14.88 6.97 2.91
N ASP A 67 -15.27 6.24 3.96
CA ASP A 67 -15.07 4.79 3.99
C ASP A 67 -16.22 4.10 3.26
N ILE A 68 -15.91 3.44 2.14
CA ILE A 68 -16.88 2.70 1.36
C ILE A 68 -16.50 1.23 1.41
N CYS A 69 -17.46 0.38 1.76
CA CYS A 69 -17.28 -1.06 1.78
C CYS A 69 -17.88 -1.63 0.50
N VAL A 70 -17.09 -2.42 -0.22
CA VAL A 70 -17.55 -3.16 -1.39
C VAL A 70 -17.52 -4.64 -1.00
N CYS A 71 -18.68 -5.20 -0.69
CA CYS A 71 -18.79 -6.53 -0.10
C CYS A 71 -19.34 -7.53 -1.10
N LEU A 72 -18.53 -8.53 -1.44
CA LEU A 72 -18.96 -9.68 -2.22
C LEU A 72 -19.68 -10.66 -1.31
N ASN A 73 -20.99 -10.80 -1.52
CA ASN A 73 -21.82 -11.55 -0.59
C ASN A 73 -21.75 -13.05 -0.80
N THR A 74 -21.32 -13.51 -1.99
CA THR A 74 -21.31 -14.94 -2.27
C THR A 74 -20.02 -15.63 -1.85
N LEU A 75 -19.02 -14.90 -1.36
CA LEU A 75 -17.87 -15.51 -0.70
C LEU A 75 -18.05 -15.32 0.81
N VAL A 76 -17.89 -16.40 1.56
CA VAL A 76 -18.18 -16.41 2.99
C VAL A 76 -16.96 -16.89 3.76
N LEU A 77 -16.63 -16.19 4.84
CA LEU A 77 -15.64 -16.65 5.80
C LEU A 77 -16.27 -16.61 7.19
N SER A 78 -16.24 -17.74 7.89
CA SER A 78 -16.93 -17.89 9.16
C SER A 78 -15.98 -18.12 10.32
N ASP A 79 -16.29 -17.49 11.45
CA ASP A 79 -15.60 -17.71 12.72
C ASP A 79 -16.41 -18.74 13.51
N TYR A 80 -15.85 -19.94 13.66
CA TYR A 80 -16.47 -21.06 14.38
C TYR A 80 -15.91 -21.25 15.78
N SER A 81 -15.05 -20.34 16.25
CA SER A 81 -14.27 -20.55 17.46
C SER A 81 -15.11 -20.58 18.74
N LEU A 82 -16.36 -20.13 18.70
CA LEU A 82 -17.21 -20.10 19.88
C LEU A 82 -18.01 -21.38 20.08
N VAL A 83 -18.10 -22.24 19.08
CA VAL A 83 -18.98 -23.41 19.09
C VAL A 83 -18.09 -24.66 19.10
N PRO A 84 -18.08 -25.43 20.18
CA PRO A 84 -17.22 -26.63 20.23
C PRO A 84 -17.54 -27.58 19.09
N GLY A 85 -16.48 -28.06 18.44
CA GLY A 85 -16.60 -29.04 17.39
C GLY A 85 -17.00 -28.49 16.03
N MET A 86 -17.05 -27.17 15.88
CA MET A 86 -17.46 -26.59 14.60
C MET A 86 -16.29 -26.18 13.71
N ASN A 87 -15.05 -26.25 14.20
CA ASN A 87 -13.90 -25.88 13.38
C ASN A 87 -12.83 -26.97 13.38
N LEU A 90 -13.26 -29.57 7.35
CA LEU A 90 -12.73 -30.16 6.13
C LEU A 90 -12.62 -29.12 5.03
N ALA A 91 -12.07 -29.51 3.88
CA ALA A 91 -12.01 -28.66 2.70
C ALA A 91 -12.60 -29.40 1.52
N GLU A 92 -13.24 -28.65 0.63
CA GLU A 92 -13.70 -29.24 -0.62
C GLU A 92 -12.55 -29.32 -1.61
N LEU A 93 -12.69 -30.24 -2.57
CA LEU A 93 -11.65 -30.44 -3.55
C LEU A 93 -11.81 -29.54 -4.76
N ARG A 94 -13.05 -29.24 -5.16
CA ARG A 94 -13.23 -28.27 -6.23
C ARG A 94 -12.99 -26.87 -5.70
N THR A 95 -12.27 -26.09 -6.49
CA THR A 95 -11.96 -24.71 -6.16
C THR A 95 -13.18 -23.84 -6.32
N ALA A 96 -13.28 -22.82 -5.48
CA ALA A 96 -14.36 -21.85 -5.66
C ALA A 96 -14.02 -21.06 -6.91
N SER A 97 -15.05 -20.69 -7.67
CA SER A 97 -14.79 -20.01 -8.92
C SER A 97 -14.09 -18.68 -8.69
N TYR A 98 -14.67 -17.85 -7.84
CA TYR A 98 -14.13 -16.53 -7.56
C TYR A 98 -13.39 -16.57 -6.22
N THR A 99 -12.17 -16.04 -6.20
CA THR A 99 -11.39 -15.96 -4.96
C THR A 99 -11.36 -14.50 -4.49
N TYR A 100 -11.05 -14.31 -3.21
CA TYR A 100 -10.90 -12.96 -2.69
C TYR A 100 -9.82 -12.20 -3.44
N LYS A 101 -8.71 -12.87 -3.76
CA LYS A 101 -7.62 -12.23 -4.51
C LYS A 101 -8.09 -11.74 -5.88
N GLN A 102 -8.79 -12.62 -6.62
CA GLN A 102 -9.31 -12.22 -7.92
C GLN A 102 -10.34 -11.10 -7.77
N PHE A 103 -11.15 -11.14 -6.71
CA PHE A 103 -12.12 -10.09 -6.47
C PHE A 103 -11.43 -8.75 -6.24
N LYS A 104 -10.40 -8.74 -5.41
CA LYS A 104 -9.68 -7.49 -5.13
C LYS A 104 -8.99 -6.97 -6.39
N SER A 105 -8.43 -7.88 -7.20
CA SER A 105 -7.80 -7.45 -8.44
C SER A 105 -8.81 -6.86 -9.42
N ASP A 106 -9.97 -7.50 -9.56
CA ASP A 106 -10.99 -6.99 -10.46
C ASP A 106 -11.55 -5.66 -9.96
N LEU A 107 -11.65 -5.50 -8.64
CA LEU A 107 -12.06 -4.21 -8.09
C LEU A 107 -11.02 -3.14 -8.39
N GLU A 108 -9.74 -3.48 -8.27
CA GLU A 108 -8.70 -2.52 -8.61
C GLU A 108 -8.85 -2.07 -10.05
N THR A 109 -9.06 -3.02 -10.96
CA THR A 109 -9.24 -2.70 -12.38
C THR A 109 -10.48 -1.83 -12.59
N ALA A 110 -11.58 -2.15 -11.92
CA ALA A 110 -12.80 -1.34 -12.07
C ALA A 110 -12.58 0.09 -11.59
N LEU A 111 -11.92 0.25 -10.43
CA LEU A 111 -11.65 1.57 -9.90
C LEU A 111 -10.73 2.36 -10.83
N LYS A 112 -9.71 1.70 -11.37
CA LYS A 112 -8.79 2.38 -12.29
C LYS A 112 -9.50 2.79 -13.57
N ASN A 113 -10.36 1.91 -14.10
CA ASN A 113 -11.10 2.23 -15.32
C ASN A 113 -12.02 3.42 -15.10
N LYS A 114 -12.61 3.51 -13.91
CA LYS A 114 -13.56 4.60 -13.66
C LYS A 114 -12.85 5.91 -13.35
N PHE A 115 -11.86 5.88 -12.45
CA PHE A 115 -11.26 7.08 -11.92
C PHE A 115 -9.89 7.38 -12.51
N GLY A 116 -9.36 6.51 -13.37
CA GLY A 116 -8.00 6.74 -13.86
C GLY A 116 -6.97 6.16 -12.93
N THR A 117 -5.80 5.82 -13.51
CA THR A 117 -4.73 5.22 -12.73
C THR A 117 -4.20 6.17 -11.66
N LEU A 118 -4.17 7.48 -11.94
CA LEU A 118 -3.68 8.45 -10.95
C LEU A 118 -4.52 8.49 -9.69
N GLY A 119 -5.80 8.12 -9.78
CA GLY A 119 -6.68 8.26 -8.66
C GLY A 119 -6.84 7.06 -7.75
N VAL A 120 -6.12 5.97 -7.99
CA VAL A 120 -6.33 4.72 -7.27
C VAL A 120 -4.98 4.18 -6.82
N SER A 121 -4.89 3.84 -5.53
CA SER A 121 -3.69 3.21 -5.00
C SER A 121 -4.10 1.99 -4.19
N ARG A 122 -3.47 0.86 -4.47
CA ARG A 122 -3.79 -0.37 -3.75
C ARG A 122 -3.04 -0.37 -2.42
N GLY A 123 -3.80 -0.50 -1.32
CA GLY A 123 -3.21 -0.66 -0.01
C GLY A 123 -3.34 -2.11 0.46
N ASP A 124 -2.76 -2.35 1.64
CA ASP A 124 -2.78 -3.70 2.20
C ASP A 124 -4.20 -4.16 2.49
N LYS A 125 -5.04 -3.25 2.98
CA LYS A 125 -6.43 -3.56 3.33
C LYS A 125 -7.42 -3.02 2.32
N ALA A 126 -7.28 -1.76 1.90
CA ALA A 126 -8.26 -1.08 1.07
C ALA A 126 -7.56 -0.31 -0.03
N PHE A 127 -8.33 0.20 -0.97
CA PHE A 127 -7.84 1.12 -1.98
C PHE A 127 -8.02 2.55 -1.49
N ASP A 128 -6.98 3.34 -1.67
CA ASP A 128 -7.04 4.78 -1.43
C ASP A 128 -7.37 5.45 -2.76
N VAL A 129 -8.53 6.11 -2.83
CA VAL A 129 -9.05 6.69 -4.07
C VAL A 129 -9.08 8.20 -3.92
N HIS A 130 -8.39 8.89 -4.83
CA HIS A 130 -8.40 10.36 -4.84
C HIS A 130 -8.54 10.78 -6.29
N ALA A 131 -9.76 11.07 -6.71
CA ALA A 131 -10.11 11.32 -8.11
C ALA A 131 -10.69 12.72 -8.20
N ASN A 132 -9.86 13.66 -8.69
CA ASN A 132 -10.28 15.06 -8.77
C ASN A 132 -11.41 15.24 -9.76
N SER A 133 -11.43 14.46 -10.85
CA SER A 133 -12.45 14.65 -11.87
C SER A 133 -13.85 14.42 -11.31
N TYR A 134 -13.99 13.44 -10.43
CA TYR A 134 -15.26 13.20 -9.75
C TYR A 134 -15.29 13.75 -8.35
N ARG A 135 -14.18 14.35 -7.88
CA ARG A 135 -14.11 14.92 -6.54
C ARG A 135 -14.44 13.87 -5.48
N VAL A 136 -13.84 12.70 -5.64
CA VAL A 136 -14.05 11.58 -4.73
C VAL A 136 -12.75 11.36 -3.95
N ASP A 137 -12.85 11.32 -2.63
CA ASP A 137 -11.75 10.92 -1.75
C ASP A 137 -12.29 9.84 -0.83
N ALA A 138 -11.86 8.60 -1.05
CA ALA A 138 -12.51 7.48 -0.40
C ALA A 138 -11.49 6.39 -0.07
N ASP A 139 -11.76 5.69 1.03
CA ASP A 139 -11.08 4.44 1.36
C ASP A 139 -12.07 3.32 1.01
N VAL A 140 -11.77 2.59 -0.07
CA VAL A 140 -12.69 1.62 -0.65
C VAL A 140 -12.16 0.23 -0.29
N VAL A 141 -12.82 -0.48 0.59
CA VAL A 141 -12.31 -1.74 1.10
C VAL A 141 -13.02 -2.90 0.41
N PRO A 142 -12.29 -3.86 -0.16
CA PRO A 142 -12.92 -5.09 -0.67
C PRO A 142 -13.17 -6.04 0.50
N ALA A 143 -14.42 -6.44 0.65
CA ALA A 143 -14.80 -7.33 1.75
C ALA A 143 -15.62 -8.47 1.17
N ILE A 144 -15.76 -9.54 1.95
CA ILE A 144 -16.67 -10.62 1.63
C ILE A 144 -17.60 -10.80 2.81
N GLN A 145 -18.60 -11.69 2.65
CA GLN A 145 -19.49 -11.95 3.78
C GLN A 145 -18.75 -12.61 4.95
N GLY A 146 -18.92 -12.06 6.16
CA GLY A 146 -18.34 -12.64 7.35
C GLY A 146 -19.43 -13.16 8.26
N ARG A 147 -19.16 -14.27 8.96
CA ARG A 147 -20.12 -14.89 9.87
C ARG A 147 -19.47 -15.23 11.19
N LEU A 148 -20.21 -15.00 12.29
CA LEU A 148 -19.84 -15.45 13.61
C LEU A 148 -20.89 -16.44 14.10
N TYR A 149 -20.52 -17.71 14.24
CA TYR A 149 -21.49 -18.68 14.72
C TYR A 149 -21.48 -18.69 16.24
N TYR A 150 -22.68 -18.74 16.82
CA TYR A 150 -22.84 -18.82 18.26
C TYR A 150 -23.55 -20.10 18.68
N ASP A 151 -23.91 -20.96 17.73
CA ASP A 151 -24.47 -22.27 18.01
C ASP A 151 -24.20 -23.16 16.79
N LYS A 152 -24.46 -24.45 16.95
CA LYS A 152 -24.23 -25.39 15.85
C LYS A 152 -25.37 -25.40 14.85
N ASN A 153 -26.45 -24.69 15.14
CA ASN A 153 -27.55 -24.53 14.19
C ASN A 153 -27.07 -23.76 12.97
N HIS A 154 -27.61 -24.15 11.80
CA HIS A 154 -27.21 -23.57 10.52
CA HIS A 154 -27.09 -23.53 10.58
C HIS A 154 -27.51 -22.07 10.45
N ASN A 155 -28.54 -21.63 11.14
CA ASN A 155 -28.95 -20.23 11.09
C ASN A 155 -28.46 -19.45 12.30
N ALA A 156 -27.64 -20.06 13.16
CA ALA A 156 -27.22 -19.42 14.40
C ALA A 156 -25.88 -18.71 14.19
N PHE A 157 -25.94 -17.61 13.42
CA PHE A 157 -24.76 -16.81 13.19
C PHE A 157 -25.17 -15.34 13.06
N ILE A 158 -24.22 -14.48 13.35
CA ILE A 158 -24.31 -13.03 13.10
C ILE A 158 -23.50 -12.72 11.85
N ARG A 159 -24.04 -11.84 11.02
CA ARG A 159 -23.49 -11.54 9.70
C ARG A 159 -22.82 -10.17 9.70
N GLY A 160 -21.61 -10.10 9.18
CA GLY A 160 -20.91 -8.84 9.01
C GLY A 160 -20.05 -8.93 7.78
N THR A 161 -18.90 -8.23 7.80
CA THR A 161 -17.99 -8.24 6.67
C THR A 161 -16.64 -8.81 7.07
N CYS A 162 -15.87 -9.22 6.06
CA CYS A 162 -14.59 -9.84 6.32
C CYS A 162 -13.58 -9.37 5.29
N ILE A 163 -12.39 -8.99 5.77
CA ILE A 163 -11.32 -8.43 4.95
C ILE A 163 -10.12 -9.37 5.03
N LYS A 164 -9.48 -9.59 3.88
CA LYS A 164 -8.32 -10.48 3.78
C LYS A 164 -7.15 -9.65 3.28
N PRO A 165 -6.37 -9.04 4.18
CA PRO A 165 -5.29 -8.14 3.74
C PRO A 165 -4.23 -8.86 2.93
N ASP A 166 -3.56 -8.10 2.05
CA ASP A 166 -2.53 -8.67 1.20
C ASP A 166 -1.47 -9.38 2.01
N SER A 167 -1.11 -8.82 3.17
CA SER A 167 -0.06 -9.32 4.04
C SER A 167 -0.47 -10.54 4.87
N GLY A 168 -1.71 -10.99 4.76
CA GLY A 168 -2.16 -12.18 5.48
C GLY A 168 -3.12 -11.84 6.60
N GLY A 169 -3.74 -12.90 7.12
CA GLY A 169 -4.67 -12.74 8.22
C GLY A 169 -6.11 -12.55 7.77
N THR A 170 -6.98 -12.44 8.77
CA THR A 170 -8.41 -12.27 8.55
C THR A 170 -8.92 -11.21 9.51
N ILE A 171 -9.67 -10.24 9.00
CA ILE A 171 -10.27 -9.19 9.82
C ILE A 171 -11.78 -9.31 9.70
N TYR A 172 -12.47 -9.29 10.84
CA TYR A 172 -13.93 -9.26 10.87
C TYR A 172 -14.38 -7.85 11.24
N ASN A 173 -15.38 -7.35 10.51
CA ASN A 173 -15.96 -6.04 10.77
C ASN A 173 -17.48 -6.21 10.91
N TRP A 174 -18.10 -5.25 11.57
CA TRP A 174 -19.55 -5.27 11.81
C TRP A 174 -20.13 -3.88 11.58
N PRO A 175 -20.01 -3.36 10.35
CA PRO A 175 -20.39 -1.96 10.12
C PRO A 175 -21.86 -1.68 10.33
N GLU A 176 -22.75 -2.58 9.90
CA GLU A 176 -24.18 -2.36 10.12
C GLU A 176 -24.48 -2.28 11.61
N GLN A 177 -23.92 -3.20 12.39
CA GLN A 177 -24.14 -3.17 13.83
C GLN A 177 -23.54 -1.91 14.45
N ASN A 178 -22.34 -1.50 14.00
CA ASN A 178 -21.76 -0.23 14.44
C ASN A 178 -22.75 0.91 14.27
N TYR A 179 -23.25 1.08 13.04
CA TYR A 179 -24.16 2.18 12.73
C TYR A 179 -25.43 2.09 13.57
N SER A 180 -26.04 0.91 13.59
CA SER A 180 -27.34 0.73 14.24
C SER A 180 -27.25 0.98 15.74
N ASN A 181 -26.21 0.44 16.39
CA ASN A 181 -26.06 0.67 17.82
C ASN A 181 -25.75 2.13 18.12
N GLY A 182 -24.94 2.78 17.28
CA GLY A 182 -24.69 4.20 17.50
C GLY A 182 -25.95 5.05 17.38
N VAL A 183 -26.79 4.75 16.40
CA VAL A 183 -28.05 5.46 16.26
C VAL A 183 -28.94 5.23 17.47
N ASN A 184 -29.02 3.98 17.92
CA ASN A 184 -29.86 3.65 19.06
C ASN A 184 -29.41 4.40 20.31
N LYS A 185 -28.10 4.42 20.57
CA LYS A 185 -27.61 5.15 21.74
C LYS A 185 -27.84 6.65 21.57
N ASN A 186 -27.70 7.17 20.35
CA ASN A 186 -27.93 8.59 20.14
C ASN A 186 -29.38 8.95 20.45
N LYS A 187 -30.31 8.06 20.10
CA LYS A 187 -31.71 8.29 20.44
C LYS A 187 -31.92 8.28 21.95
N SER A 188 -31.33 7.30 22.63
CA SER A 188 -31.51 7.18 24.09
C SER A 188 -30.91 8.35 24.86
N THR A 189 -29.93 9.04 24.30
CA THR A 189 -29.27 10.15 25.00
C THR A 189 -29.68 11.51 24.44
N GLY A 190 -30.74 11.57 23.64
CA GLY A 190 -31.18 12.84 23.08
C GLY A 190 -30.12 13.54 22.24
N ASN A 191 -29.39 12.78 21.42
CA ASN A 191 -28.33 13.21 20.51
C ASN A 191 -27.01 13.55 21.22
N ARG A 192 -26.94 13.45 22.54
CA ARG A 192 -25.70 13.83 23.23
C ARG A 192 -24.55 12.88 22.93
N PHE A 193 -24.85 11.60 22.67
CA PHE A 193 -23.79 10.60 22.46
C PHE A 193 -22.83 11.01 21.35
N LYS A 194 -23.35 11.29 20.15
CA LYS A 194 -22.46 11.59 19.04
C LYS A 194 -21.83 12.97 19.15
N LEU A 195 -22.52 13.91 19.79
CA LEU A 195 -21.90 15.20 20.09
C LEU A 195 -20.65 14.99 20.95
N ILE A 196 -20.74 14.15 21.96
CA ILE A 196 -19.60 13.91 22.84
C ILE A 196 -18.53 13.10 22.13
N VAL A 197 -18.92 12.15 21.28
CA VAL A 197 -17.93 11.42 20.48
C VAL A 197 -17.09 12.40 19.68
N ARG A 198 -17.76 13.34 19.00
CA ARG A 198 -17.03 14.29 18.16
C ARG A 198 -16.18 15.25 18.99
N ALA A 199 -16.70 15.69 20.14
CA ALA A 199 -15.90 16.56 21.02
C ALA A 199 -14.63 15.84 21.47
N ILE A 200 -14.75 14.57 21.87
CA ILE A 200 -13.59 13.86 22.36
C ILE A 200 -12.63 13.52 21.22
N LYS A 201 -13.15 13.20 20.03
CA LYS A 201 -12.26 12.98 18.89
C LYS A 201 -11.46 14.24 18.57
N ARG A 202 -12.11 15.41 18.62
CA ARG A 202 -11.38 16.65 18.41
C ARG A 202 -10.40 16.92 19.54
N LEU A 203 -10.74 16.54 20.77
CA LEU A 203 -9.78 16.68 21.88
C LEU A 203 -8.55 15.82 21.64
N ARG A 204 -8.75 14.57 21.23
CA ARG A 204 -7.62 13.70 20.92
C ARG A 204 -6.78 14.26 19.78
N ASN A 205 -7.43 14.77 18.73
CA ASN A 205 -6.68 15.35 17.61
C ASN A 205 -5.90 16.58 18.05
N HIS A 206 -6.53 17.43 18.87
CA HIS A 206 -5.85 18.59 19.44
C HIS A 206 -4.61 18.16 20.22
N LEU A 207 -4.75 17.18 21.10
CA LEU A 207 -3.62 16.74 21.90
C LEU A 207 -2.52 16.14 21.02
N ALA A 208 -2.91 15.36 20.01
CA ALA A 208 -1.91 14.75 19.14
C ALA A 208 -1.14 15.81 18.35
N GLU A 209 -1.83 16.84 17.89
CA GLU A 209 -1.15 17.88 17.13
C GLU A 209 -0.28 18.77 18.01
N LYS A 210 -0.53 18.80 19.33
CA LYS A 210 0.32 19.52 20.25
C LYS A 210 1.48 18.68 20.75
N GLY A 211 1.61 17.44 20.29
CA GLY A 211 2.75 16.62 20.63
C GLY A 211 2.59 15.72 21.83
N TYR A 212 1.37 15.55 22.35
CA TYR A 212 1.15 14.64 23.47
C TYR A 212 1.20 13.20 22.96
N ASN A 213 2.25 12.48 23.34
CA ASN A 213 2.47 11.15 22.77
C ASN A 213 1.38 10.16 23.18
N THR A 214 0.68 10.39 24.30
CA THR A 214 -0.35 9.44 24.70
C THR A 214 -1.55 9.51 23.77
N ALA A 215 -1.74 10.62 23.06
CA ALA A 215 -2.86 10.73 22.14
C ALA A 215 -2.62 10.00 20.82
N LYS A 216 -1.37 9.85 20.39
CA LYS A 216 -1.12 9.30 19.07
C LYS A 216 -1.65 7.89 18.85
N PRO A 217 -1.52 6.94 19.77
CA PRO A 217 -2.01 5.57 19.48
C PRO A 217 -3.49 5.39 19.76
N ILE A 218 -4.24 6.48 19.89
CA ILE A 218 -5.67 6.39 20.18
C ILE A 218 -6.46 6.82 18.95
N PRO A 219 -6.88 5.90 18.08
CA PRO A 219 -7.56 6.30 16.85
C PRO A 219 -9.03 6.59 17.08
N SER A 220 -9.65 7.16 16.04
CA SER A 220 -11.03 7.62 16.11
C SER A 220 -11.99 6.51 16.51
N TYR A 221 -11.89 5.35 15.85
CA TYR A 221 -12.84 4.27 16.07
C TYR A 221 -12.77 3.76 17.51
N LEU A 222 -11.56 3.71 18.07
CA LEU A 222 -11.42 3.32 19.46
C LEU A 222 -12.19 4.27 20.37
N MET A 223 -12.11 5.58 20.10
CA MET A 223 -12.81 6.54 20.93
C MET A 223 -14.32 6.44 20.76
N GLU A 224 -14.78 6.18 19.54
CA GLU A 224 -16.21 5.97 19.33
C GLU A 224 -16.69 4.79 20.17
N CYS A 225 -15.93 3.69 20.17
CA CYS A 225 -16.29 2.52 20.98
C CYS A 225 -16.29 2.87 22.47
N LEU A 226 -15.23 3.55 22.93
CA LEU A 226 -15.10 3.87 24.35
C LEU A 226 -16.24 4.73 24.84
N VAL A 227 -16.57 5.79 24.08
CA VAL A 227 -17.67 6.65 24.48
C VAL A 227 -18.98 5.90 24.44
N TYR A 228 -19.15 5.01 23.46
CA TYR A 228 -20.36 4.20 23.41
C TYR A 228 -20.53 3.37 24.67
N ILE A 229 -19.41 2.91 25.26
CA ILE A 229 -19.48 2.09 26.46
C ILE A 229 -20.02 2.86 27.67
N VAL A 230 -19.84 4.18 27.71
CA VAL A 230 -20.28 4.92 28.90
C VAL A 230 -21.79 4.84 29.03
N PRO A 231 -22.33 4.51 30.21
CA PRO A 231 -23.79 4.40 30.36
C PRO A 231 -24.49 5.71 30.05
N ASP A 232 -25.76 5.59 29.62
CA ASP A 232 -26.52 6.74 29.14
C ASP A 232 -26.69 7.81 30.20
N GLN A 233 -26.77 7.41 31.47
CA GLN A 233 -27.02 8.37 32.55
C GLN A 233 -25.99 9.49 32.57
N TYR A 234 -24.76 9.20 32.14
CA TYR A 234 -23.70 10.19 32.19
C TYR A 234 -23.76 11.20 31.06
N PHE A 235 -24.72 11.08 30.16
CA PHE A 235 -24.87 12.04 29.07
C PHE A 235 -25.96 13.07 29.32
N THR A 236 -26.60 13.06 30.50
CA THR A 236 -27.67 13.99 30.80
C THR A 236 -27.11 15.36 31.20
N GLY A 237 -28.02 16.32 31.41
CA GLY A 237 -27.63 17.64 31.84
C GLY A 237 -27.33 18.56 30.67
N ASP A 238 -26.94 19.79 31.01
CA ASP A 238 -26.69 20.83 30.02
C ASP A 238 -25.22 21.25 29.98
N SER A 239 -24.32 20.40 30.46
CA SER A 239 -22.88 20.70 30.44
C SER A 239 -22.16 19.62 29.65
N TYR A 240 -21.65 19.99 28.47
CA TYR A 240 -20.85 19.05 27.69
C TYR A 240 -19.55 18.71 28.42
N LYS A 241 -18.97 19.69 29.11
CA LYS A 241 -17.77 19.43 29.90
C LYS A 241 -18.01 18.35 30.95
N THR A 242 -19.15 18.42 31.64
CA THR A 242 -19.47 17.39 32.61
C THR A 242 -19.64 16.03 31.95
N ASN A 243 -20.22 16.00 30.74
CA ASN A 243 -20.34 14.74 30.01
C ASN A 243 -18.96 14.16 29.70
N VAL A 244 -18.04 14.99 29.21
CA VAL A 244 -16.70 14.52 28.87
C VAL A 244 -16.01 13.98 30.13
N GLU A 245 -16.12 14.73 31.23
CA GLU A 245 -15.51 14.29 32.49
C GLU A 245 -16.12 12.99 32.97
N ASN A 246 -17.43 12.84 32.85
CA ASN A 246 -18.07 11.58 33.23
C ASN A 246 -17.54 10.43 32.41
N CYS A 247 -17.38 10.63 31.10
CA CYS A 247 -16.86 9.56 30.26
C CYS A 247 -15.46 9.16 30.70
N ILE A 248 -14.59 10.15 30.90
CA ILE A 248 -13.22 9.83 31.30
C ILE A 248 -13.22 9.11 32.65
N ASN A 249 -14.02 9.60 33.59
CA ASN A 249 -14.09 9.00 34.92
C ASN A 249 -14.56 7.55 34.85
N TYR A 250 -15.71 7.32 34.21
CA TYR A 250 -16.24 5.96 34.10
C TYR A 250 -15.24 5.03 33.44
N LEU A 251 -14.70 5.44 32.29
CA LEU A 251 -13.80 4.57 31.54
C LEU A 251 -12.55 4.25 32.33
N TYR A 252 -11.96 5.26 32.98
CA TYR A 252 -10.74 5.01 33.73
C TYR A 252 -10.98 4.06 34.89
N ASN A 253 -12.12 4.19 35.57
CA ASN A 253 -12.31 3.36 36.74
C ASN A 253 -12.86 1.98 36.41
N GLN A 254 -13.42 1.77 35.23
CA GLN A 254 -14.00 0.47 34.90
C GLN A 254 -13.15 -0.37 33.95
N ILE A 255 -12.08 0.17 33.38
CA ILE A 255 -11.45 -0.50 32.24
C ILE A 255 -10.71 -1.76 32.69
N ASP A 256 -10.09 -1.73 33.88
CA ASP A 256 -9.20 -2.83 34.26
C ASP A 256 -9.95 -4.14 34.45
N SER A 257 -11.10 -4.09 35.12
CA SER A 257 -11.89 -5.29 35.36
C SER A 257 -12.83 -5.64 34.22
N SER A 258 -12.93 -4.77 33.21
CA SER A 258 -13.90 -4.90 32.13
C SER A 258 -13.48 -5.92 31.07
N ASP A 259 -14.48 -6.43 30.34
CA ASP A 259 -14.26 -7.17 29.10
C ASP A 259 -15.19 -6.55 28.04
N TRP A 260 -14.88 -5.30 27.67
CA TRP A 260 -15.74 -4.51 26.81
C TRP A 260 -15.71 -5.01 25.38
N THR A 261 -16.78 -4.72 24.64
CA THR A 261 -16.83 -4.94 23.21
C THR A 261 -16.75 -3.61 22.48
N GLU A 262 -16.56 -3.71 21.16
CA GLU A 262 -16.71 -2.58 20.26
C GLU A 262 -18.17 -2.14 20.22
N ILE A 263 -18.43 -1.04 19.51
CA ILE A 263 -19.78 -0.47 19.46
C ILE A 263 -20.77 -1.46 18.86
N ASN A 264 -20.30 -2.38 18.01
CA ASN A 264 -21.17 -3.43 17.48
C ASN A 264 -21.61 -4.44 18.53
N GLU A 265 -20.99 -4.43 19.71
CA GLU A 265 -21.29 -5.35 20.80
C GLU A 265 -21.06 -6.81 20.43
N ILE A 266 -20.19 -7.05 19.45
CA ILE A 266 -19.88 -8.40 18.99
C ILE A 266 -18.39 -8.70 19.17
N LYS A 267 -17.52 -7.79 18.74
CA LYS A 267 -16.09 -7.94 18.80
C LYS A 267 -15.53 -7.36 20.09
N TYR A 268 -14.61 -8.09 20.71
CA TYR A 268 -13.97 -7.59 21.93
C TYR A 268 -13.10 -6.37 21.65
N LEU A 269 -13.19 -5.37 22.52
CA LEU A 269 -12.47 -4.12 22.27
C LEU A 269 -10.97 -4.30 22.48
N PHE A 270 -10.55 -5.23 23.33
CA PHE A 270 -9.14 -5.43 23.64
C PHE A 270 -8.75 -6.88 23.40
N GLY A 271 -7.48 -7.08 23.09
CA GLY A 271 -6.96 -8.40 22.82
C GLY A 271 -5.87 -8.34 21.75
N SER A 272 -5.29 -9.50 21.49
CA SER A 272 -4.18 -9.58 20.53
C SER A 272 -4.62 -9.26 19.11
N HIS A 273 -5.93 -9.23 18.83
CA HIS A 273 -6.43 -8.90 17.51
C HIS A 273 -6.52 -7.40 17.27
N GLN A 274 -6.26 -6.57 18.28
CA GLN A 274 -6.40 -5.13 18.17
C GLN A 274 -5.03 -4.45 18.19
N MET A 275 -4.98 -3.24 17.64
CA MET A 275 -3.77 -2.45 17.62
C MET A 275 -3.54 -1.64 18.88
N TRP A 276 -4.51 -1.59 19.78
CA TRP A 276 -4.45 -0.81 21.00
C TRP A 276 -4.58 -1.72 22.22
N ASN A 277 -4.22 -1.20 23.39
CA ASN A 277 -4.36 -1.97 24.62
C ASN A 277 -4.82 -1.05 25.75
N LYS A 278 -5.18 -1.66 26.88
CA LYS A 278 -5.76 -0.91 27.99
C LYS A 278 -4.80 0.12 28.55
N THR A 279 -3.49 -0.18 28.59
CA THR A 279 -2.53 0.76 29.15
C THR A 279 -2.50 2.07 28.34
N GLN A 280 -2.51 1.97 27.01
CA GLN A 280 -2.53 3.16 26.17
C GLN A 280 -3.78 3.99 26.42
N VAL A 281 -4.93 3.33 26.52
CA VAL A 281 -6.18 4.03 26.80
C VAL A 281 -6.10 4.74 28.14
N LYS A 282 -5.57 4.07 29.17
CA LYS A 282 -5.50 4.68 30.50
C LYS A 282 -4.57 5.88 30.51
N GLU A 283 -3.42 5.76 29.85
CA GLU A 283 -2.50 6.90 29.77
C GLU A 283 -3.16 8.09 29.05
N PHE A 284 -3.88 7.81 27.96
CA PHE A 284 -4.57 8.89 27.28
C PHE A 284 -5.64 9.52 28.17
N LEU A 285 -6.39 8.69 28.90
CA LEU A 285 -7.44 9.23 29.76
C LEU A 285 -6.85 10.13 30.84
N LEU A 286 -5.72 9.73 31.42
CA LEU A 286 -5.08 10.57 32.41
C LEU A 286 -4.61 11.90 31.80
N THR A 287 -3.99 11.82 30.61
CA THR A 287 -3.58 13.04 29.92
C THR A 287 -4.77 13.97 29.70
N ALA A 288 -5.87 13.42 29.19
CA ALA A 288 -7.05 14.23 28.90
C ALA A 288 -7.64 14.82 30.17
N TRP A 289 -7.69 14.02 31.25
CA TRP A 289 -8.23 14.50 32.52
C TRP A 289 -7.44 15.69 33.02
N SER A 290 -6.10 15.60 32.99
CA SER A 290 -5.29 16.74 33.42
C SER A 290 -5.48 17.94 32.51
N TYR A 291 -5.54 17.71 31.20
CA TYR A 291 -5.51 18.81 30.25
C TYR A 291 -6.75 19.72 30.35
N ILE A 292 -7.91 19.15 30.66
CA ILE A 292 -9.15 19.94 30.75
C ILE A 292 -9.30 20.69 32.06
N GLN A 293 -8.46 20.43 33.06
CA GLN A 293 -8.57 21.14 34.33
C GLN A 293 -7.99 22.55 34.22
N LYS A 294 -8.53 23.46 35.03
CA LYS A 294 -8.19 24.88 34.91
C LYS A 294 -6.73 25.15 35.27
N ASN A 295 -6.33 24.84 36.50
CA ASN A 295 -4.94 25.00 36.91
C ASN A 295 -4.46 23.74 37.63
N LEU A 296 -3.54 23.02 36.99
CA LEU A 296 -2.86 21.93 37.64
C LEU A 296 -1.69 22.47 38.45
N GLU A 297 -1.54 21.97 39.67
CA GLU A 297 -0.33 22.24 40.43
C GLU A 297 0.77 21.23 40.11
N HIS A 298 0.42 19.98 39.85
CA HIS A 298 1.38 18.90 39.70
C HIS A 298 1.13 18.12 38.42
N HIS A 299 2.10 17.30 38.04
CA HIS A 299 2.01 16.52 36.82
C HIS A 299 2.30 15.05 37.13
N HIS A 300 1.62 14.17 36.39
CA HIS A 300 1.36 12.80 36.83
C HIS A 300 2.33 11.75 36.30
N HIS A 301 3.24 12.09 35.39
CA HIS A 301 4.11 11.07 34.82
C HIS A 301 5.11 10.56 35.85
N HIS A 302 4.71 9.53 36.59
CA HIS A 302 5.56 8.95 37.63
C HIS A 302 5.58 7.43 37.55
N ASP B 4 31.84 -18.54 8.41
CA ASP B 4 30.69 -19.42 8.20
C ASP B 4 29.82 -18.87 7.07
N TRP B 5 30.05 -19.37 5.86
CA TRP B 5 29.37 -18.80 4.70
C TRP B 5 27.89 -19.18 4.65
N GLU B 6 27.51 -20.33 5.22
CA GLU B 6 26.11 -20.72 5.23
C GLU B 6 25.27 -19.73 6.03
N GLN B 7 25.68 -19.46 7.27
CA GLN B 7 24.93 -18.52 8.09
C GLN B 7 25.05 -17.10 7.56
N THR B 8 26.21 -16.75 7.00
CA THR B 8 26.36 -15.40 6.44
C THR B 8 25.41 -15.20 5.26
N PHE B 9 25.31 -16.18 4.36
CA PHE B 9 24.39 -16.06 3.23
C PHE B 9 22.93 -16.08 3.69
N ARG B 10 22.62 -16.87 4.71
CA ARG B 10 21.26 -16.86 5.24
C ARG B 10 20.91 -15.50 5.83
N LYS B 11 21.85 -14.87 6.54
CA LYS B 11 21.60 -13.53 7.07
C LYS B 11 21.48 -12.51 5.94
N TRP B 12 22.34 -12.62 4.93
CA TRP B 12 22.32 -11.68 3.81
C TRP B 12 21.13 -11.88 2.89
N SER B 13 20.35 -12.96 3.07
CA SER B 13 19.17 -13.17 2.26
C SER B 13 17.94 -12.41 2.75
N LYS B 14 17.99 -11.81 3.93
CA LYS B 14 16.83 -11.13 4.47
C LYS B 14 16.52 -9.85 3.68
N PRO B 15 15.29 -9.35 3.76
CA PRO B 15 15.00 -8.02 3.22
C PRO B 15 15.83 -6.97 3.96
N SER B 16 15.88 -5.77 3.37
CA SER B 16 16.60 -4.68 4.01
C SER B 16 15.99 -4.29 5.36
N SER B 17 14.69 -4.53 5.54
CA SER B 17 14.00 -4.24 6.80
C SER B 17 12.62 -4.90 6.75
N GLU B 18 11.87 -4.73 7.84
CA GLU B 18 10.49 -5.21 7.90
C GLU B 18 9.48 -4.18 7.40
N THR B 19 9.94 -2.96 7.09
CA THR B 19 9.06 -1.87 6.67
C THR B 19 9.20 -1.52 5.20
N GLU B 20 9.72 -2.45 4.37
CA GLU B 20 9.93 -2.13 2.95
C GLU B 20 8.62 -1.82 2.24
N SER B 21 7.58 -2.62 2.50
CA SER B 21 6.30 -2.38 1.83
C SER B 21 5.74 -1.01 2.22
N THR B 22 5.93 -0.62 3.48
CA THR B 22 5.46 0.69 3.94
C THR B 22 6.20 1.81 3.22
N LYS B 23 7.52 1.69 3.12
CA LYS B 23 8.33 2.69 2.45
C LYS B 23 7.94 2.83 0.98
N ALA B 24 7.78 1.69 0.29
CA ALA B 24 7.41 1.73 -1.11
C ALA B 24 6.04 2.37 -1.31
N GLU B 25 5.07 1.97 -0.48
CA GLU B 25 3.72 2.52 -0.60
C GLU B 25 3.71 4.02 -0.30
N ASN B 26 4.49 4.45 0.70
CA ASN B 26 4.52 5.87 1.00
C ASN B 26 5.14 6.67 -0.13
N ALA B 27 6.23 6.17 -0.72
CA ALA B 27 6.81 6.85 -1.88
C ALA B 27 5.80 6.95 -3.01
N GLU B 28 5.13 5.84 -3.34
CA GLU B 28 4.13 5.85 -4.40
C GLU B 28 3.04 6.89 -4.13
N ARG B 29 2.49 6.88 -2.90
CA ARG B 29 1.36 7.74 -2.62
C ARG B 29 1.75 9.21 -2.57
N MET B 30 2.94 9.53 -2.06
CA MET B 30 3.36 10.93 -2.03
C MET B 30 3.63 11.47 -3.42
N ILE B 31 4.22 10.64 -4.30
CA ILE B 31 4.42 11.11 -5.67
C ILE B 31 3.10 11.22 -6.41
N LYS B 32 2.19 10.28 -6.18
CA LYS B 32 0.86 10.41 -6.76
C LYS B 32 0.18 11.68 -6.28
N ALA B 33 0.35 12.03 -5.00
CA ALA B 33 -0.24 13.27 -4.49
C ALA B 33 0.36 14.50 -5.15
N ALA B 34 1.68 14.48 -5.39
CA ALA B 34 2.31 15.58 -6.13
C ALA B 34 1.71 15.71 -7.53
N ILE B 35 1.51 14.59 -8.21
CA ILE B 35 0.94 14.66 -9.57
C ILE B 35 -0.50 15.18 -9.52
N ASN B 36 -1.29 14.68 -8.57
CA ASN B 36 -2.68 15.11 -8.45
C ASN B 36 -2.81 16.57 -8.05
N SER B 37 -1.77 17.14 -7.45
CA SER B 37 -1.79 18.56 -7.14
C SER B 37 -1.38 19.42 -8.32
N SER B 38 -0.84 18.82 -9.38
CA SER B 38 -0.38 19.56 -10.54
C SER B 38 -1.55 19.90 -11.45
N GLN B 39 -1.77 21.19 -11.68
CA GLN B 39 -2.88 21.62 -12.53
C GLN B 39 -2.69 21.14 -13.96
N ILE B 40 -1.44 20.95 -14.40
CA ILE B 40 -1.19 20.42 -15.72
C ILE B 40 -1.33 18.90 -15.76
N LEU B 41 -0.64 18.20 -14.86
CA LEU B 41 -0.52 16.74 -14.96
C LEU B 41 -1.73 15.99 -14.41
N SER B 42 -2.47 16.59 -13.48
CA SER B 42 -3.55 15.84 -12.81
C SER B 42 -4.66 15.41 -13.75
N THR B 43 -4.77 16.04 -14.93
CA THR B 43 -5.79 15.66 -15.91
C THR B 43 -5.31 14.63 -16.93
N LYS B 44 -4.03 14.27 -16.92
CA LYS B 44 -3.48 13.36 -17.92
C LYS B 44 -3.56 11.90 -17.45
N ASP B 45 -3.40 10.99 -18.43
CA ASP B 45 -3.43 9.54 -18.20
C ASP B 45 -2.02 9.11 -17.79
N ILE B 46 -1.80 9.06 -16.47
CA ILE B 46 -0.47 8.84 -15.92
C ILE B 46 -0.54 7.71 -14.91
N SER B 47 0.39 6.76 -15.02
CA SER B 47 0.54 5.69 -14.03
C SER B 47 1.74 5.99 -13.14
N VAL B 48 1.54 5.95 -11.83
CA VAL B 48 2.62 6.12 -10.87
C VAL B 48 2.78 4.80 -10.14
N PHE B 49 3.93 4.14 -10.31
CA PHE B 49 4.04 2.81 -9.71
C PHE B 49 5.48 2.50 -9.31
N PRO B 50 5.67 1.68 -8.29
CA PRO B 50 7.03 1.28 -7.92
C PRO B 50 7.57 0.23 -8.88
N GLN B 51 8.87 0.30 -9.10
CA GLN B 51 9.62 -0.67 -9.89
C GLN B 51 10.94 -0.91 -9.14
N GLY B 52 11.88 -1.57 -9.81
CA GLY B 52 13.15 -1.73 -9.13
C GLY B 52 13.07 -2.73 -7.98
N SER B 53 14.08 -2.66 -7.10
CA SER B 53 14.26 -3.72 -6.12
C SER B 53 13.20 -3.71 -5.03
N TYR B 54 12.59 -2.55 -4.74
CA TYR B 54 11.50 -2.55 -3.76
C TYR B 54 10.28 -3.30 -4.30
N ARG B 55 9.88 -3.00 -5.53
CA ARG B 55 8.76 -3.70 -6.14
C ARG B 55 9.04 -5.19 -6.25
N ASN B 56 10.27 -5.56 -6.58
CA ASN B 56 10.61 -6.96 -6.83
C ASN B 56 11.08 -7.69 -5.59
N ASN B 57 11.12 -7.04 -4.43
CA ASN B 57 11.56 -7.65 -3.18
C ASN B 57 13.00 -8.17 -3.27
N THR B 58 13.85 -7.44 -3.99
CA THR B 58 15.26 -7.79 -4.06
C THR B 58 16.15 -6.72 -3.43
N ASN B 59 15.55 -5.73 -2.77
CA ASN B 59 16.34 -4.68 -2.11
C ASN B 59 17.05 -5.21 -0.88
N VAL B 60 18.30 -4.80 -0.69
CA VAL B 60 19.07 -5.20 0.48
C VAL B 60 19.59 -4.03 1.29
N ARG B 61 19.63 -2.81 0.76
CA ARG B 61 20.11 -1.67 1.50
C ARG B 61 18.95 -0.84 2.01
N GLU B 62 18.96 -0.56 3.32
CA GLU B 62 17.87 0.22 3.90
C GLU B 62 17.84 1.64 3.36
N ASP B 63 18.99 2.21 3.01
CA ASP B 63 19.05 3.55 2.45
C ASP B 63 18.86 3.58 0.94
N SER B 64 18.41 2.48 0.32
CA SER B 64 18.12 2.50 -1.10
C SER B 64 16.89 3.37 -1.37
N ASP B 65 16.98 4.20 -2.39
CA ASP B 65 15.82 4.99 -2.76
C ASP B 65 14.77 4.09 -3.41
N VAL B 66 13.51 4.42 -3.18
CA VAL B 66 12.42 3.70 -3.83
C VAL B 66 12.35 4.16 -5.28
N ASP B 67 12.35 3.21 -6.20
CA ASP B 67 12.25 3.53 -7.63
C ASP B 67 10.79 3.67 -8.00
N ILE B 68 10.37 4.88 -8.36
CA ILE B 68 9.01 5.15 -8.78
C ILE B 68 9.02 5.59 -10.23
N CYS B 69 8.19 4.96 -11.05
CA CYS B 69 8.03 5.32 -12.45
C CYS B 69 6.76 6.14 -12.59
N VAL B 70 6.89 7.30 -13.22
CA VAL B 70 5.76 8.15 -13.58
C VAL B 70 5.64 8.07 -15.09
N CYS B 71 4.67 7.31 -15.57
CA CYS B 71 4.56 7.00 -17.00
C CYS B 71 3.35 7.71 -17.58
N LEU B 72 3.60 8.58 -18.56
CA LEU B 72 2.54 9.17 -19.35
C LEU B 72 2.14 8.15 -20.42
N ASN B 73 0.90 7.63 -20.28
CA ASN B 73 0.46 6.54 -21.12
C ASN B 73 0.00 7.00 -22.50
N THR B 74 -0.36 8.27 -22.64
CA THR B 74 -0.87 8.74 -23.92
C THR B 74 0.22 9.20 -24.88
N LEU B 75 1.48 9.22 -24.45
CA LEU B 75 2.61 9.40 -25.34
C LEU B 75 3.26 8.04 -25.57
N VAL B 76 3.44 7.69 -26.85
CA VAL B 76 3.90 6.36 -27.24
C VAL B 76 5.16 6.51 -28.10
N LEU B 77 6.15 5.66 -27.82
CA LEU B 77 7.30 5.49 -28.69
C LEU B 77 7.41 4.00 -29.00
N SER B 78 7.44 3.66 -30.29
CA SER B 78 7.35 2.28 -30.73
C SER B 78 8.69 1.83 -31.32
N ASP B 79 9.06 0.59 -31.00
CA ASP B 79 10.24 -0.06 -31.54
C ASP B 79 9.81 -0.96 -32.68
N TYR B 80 10.15 -0.57 -33.91
CA TYR B 80 9.79 -1.33 -35.11
C TYR B 80 10.96 -2.16 -35.64
N SER B 81 12.06 -2.26 -34.89
CA SER B 81 13.28 -2.86 -35.43
C SER B 81 13.14 -4.35 -35.71
N LEU B 82 12.11 -5.00 -35.17
CA LEU B 82 11.94 -6.43 -35.43
C LEU B 82 11.02 -6.71 -36.62
N VAL B 83 10.25 -5.73 -37.08
CA VAL B 83 9.29 -5.92 -38.14
C VAL B 83 9.66 -5.01 -39.31
N PRO B 84 10.22 -5.56 -40.38
CA PRO B 84 10.50 -4.74 -41.57
C PRO B 84 9.22 -4.20 -42.17
N GLY B 85 9.22 -2.90 -42.49
CA GLY B 85 8.06 -2.28 -43.11
C GLY B 85 6.98 -1.81 -42.16
N MET B 86 7.23 -1.81 -40.85
CA MET B 86 6.26 -1.36 -39.87
C MET B 86 6.55 0.09 -39.47
N ASN B 87 5.55 0.96 -39.61
CA ASN B 87 5.72 2.36 -39.24
C ASN B 87 4.56 2.87 -38.40
N ASP B 88 4.50 4.19 -38.18
CA ASP B 88 3.45 4.76 -37.34
C ASP B 88 2.08 4.67 -38.01
N LYS B 89 2.01 4.85 -39.33
CA LYS B 89 0.73 4.77 -40.01
C LYS B 89 0.17 3.35 -39.95
N LEU B 90 1.02 2.34 -40.17
CA LEU B 90 0.60 0.95 -40.01
C LEU B 90 0.41 0.56 -38.55
N ALA B 91 0.52 1.51 -37.62
CA ALA B 91 0.25 1.25 -36.21
C ALA B 91 -0.77 2.23 -35.65
N GLU B 92 -1.31 3.14 -36.49
CA GLU B 92 -2.42 4.01 -36.13
C GLU B 92 -2.04 5.03 -35.04
N LEU B 93 -0.76 5.41 -34.99
CA LEU B 93 -0.29 6.37 -33.99
C LEU B 93 -0.33 7.78 -34.58
N ARG B 94 -1.20 8.62 -34.02
CA ARG B 94 -1.29 10.03 -34.37
C ARG B 94 -0.11 10.79 -33.74
N THR B 95 0.38 11.81 -34.45
CA THR B 95 1.45 12.62 -33.90
C THR B 95 0.93 13.47 -32.73
N ALA B 96 1.72 13.58 -31.67
CA ALA B 96 1.37 14.33 -30.48
C ALA B 96 1.91 15.74 -30.44
N SER B 97 1.10 16.67 -29.93
CA SER B 97 1.55 18.03 -29.63
C SER B 97 2.48 18.05 -28.41
N TYR B 98 2.10 17.30 -27.36
CA TYR B 98 2.84 17.28 -26.11
C TYR B 98 4.09 16.42 -26.24
N THR B 99 5.21 16.93 -25.76
CA THR B 99 6.49 16.25 -25.87
C THR B 99 6.96 15.70 -24.54
N TYR B 100 7.87 14.73 -24.65
CA TYR B 100 8.53 14.18 -23.46
C TYR B 100 9.29 15.26 -22.70
N LYS B 101 9.94 16.18 -23.41
CA LYS B 101 10.70 17.24 -22.77
C LYS B 101 9.83 18.08 -21.84
N GLN B 102 8.69 18.55 -22.35
CA GLN B 102 7.80 19.35 -21.52
C GLN B 102 7.14 18.51 -20.44
N PHE B 103 6.87 17.23 -20.71
CA PHE B 103 6.34 16.36 -19.67
C PHE B 103 7.32 16.24 -18.51
N LYS B 104 8.60 16.05 -18.81
CA LYS B 104 9.61 15.94 -17.76
C LYS B 104 9.74 17.26 -16.99
N SER B 105 9.67 18.39 -17.69
CA SER B 105 9.72 19.68 -17.00
C SER B 105 8.51 19.86 -16.09
N ASP B 106 7.32 19.47 -16.57
CA ASP B 106 6.11 19.59 -15.75
C ASP B 106 6.16 18.65 -14.54
N LEU B 107 6.75 17.46 -14.72
CA LEU B 107 6.96 16.58 -13.57
C LEU B 107 7.90 17.22 -12.57
N GLU B 108 8.97 17.85 -13.04
CA GLU B 108 9.89 18.56 -12.15
C GLU B 108 9.14 19.62 -11.34
N THR B 109 8.29 20.39 -12.01
CA THR B 109 7.51 21.42 -11.33
C THR B 109 6.59 20.81 -10.27
N ALA B 110 5.91 19.71 -10.61
CA ALA B 110 5.01 19.09 -9.64
C ALA B 110 5.78 18.61 -8.40
N LEU B 111 6.92 17.96 -8.63
CA LEU B 111 7.72 17.47 -7.52
C LEU B 111 8.24 18.62 -6.65
N LYS B 112 8.76 19.67 -7.28
CA LYS B 112 9.29 20.80 -6.51
C LYS B 112 8.18 21.51 -5.75
N ASN B 113 7.00 21.65 -6.35
CA ASN B 113 5.89 22.29 -5.63
C ASN B 113 5.52 21.50 -4.39
N LYS B 114 5.58 20.16 -4.45
CA LYS B 114 5.18 19.43 -3.26
C LYS B 114 6.32 19.33 -2.24
N PHE B 115 7.52 18.99 -2.69
CA PHE B 115 8.63 18.65 -1.81
C PHE B 115 9.62 19.80 -1.62
N GLY B 116 9.41 20.93 -2.27
CA GLY B 116 10.37 22.02 -2.15
C GLY B 116 11.52 21.89 -3.13
N THR B 117 12.10 23.03 -3.49
CA THR B 117 13.20 23.03 -4.46
C THR B 117 14.40 22.28 -3.92
N LEU B 118 14.65 22.41 -2.61
CA LEU B 118 15.77 21.75 -1.95
C LEU B 118 15.61 20.23 -1.94
N GLY B 119 14.38 19.72 -2.05
CA GLY B 119 14.14 18.31 -1.95
C GLY B 119 14.11 17.55 -3.27
N VAL B 120 14.38 18.23 -4.38
CA VAL B 120 14.27 17.64 -5.72
C VAL B 120 15.51 18.01 -6.52
N SER B 121 16.17 17.00 -7.09
CA SER B 121 17.30 17.23 -7.98
C SER B 121 17.04 16.55 -9.31
N ARG B 122 17.19 17.30 -10.40
CA ARG B 122 17.03 16.74 -11.74
C ARG B 122 18.32 16.04 -12.15
N GLY B 123 18.22 14.74 -12.42
CA GLY B 123 19.30 13.99 -13.03
C GLY B 123 19.05 13.79 -14.52
N ASP B 124 20.04 13.18 -15.17
CA ASP B 124 19.95 12.96 -16.60
C ASP B 124 18.76 12.07 -16.94
N LYS B 125 18.47 11.08 -16.10
CA LYS B 125 17.37 10.15 -16.33
C LYS B 125 16.18 10.40 -15.42
N ALA B 126 16.41 10.59 -14.12
CA ALA B 126 15.32 10.66 -13.15
C ALA B 126 15.55 11.81 -12.18
N PHE B 127 14.53 12.09 -11.37
CA PHE B 127 14.63 13.04 -10.28
C PHE B 127 14.97 12.30 -8.99
N ASP B 128 15.90 12.87 -8.24
CA ASP B 128 16.22 12.40 -6.91
C ASP B 128 15.41 13.22 -5.92
N VAL B 129 14.54 12.56 -5.16
CA VAL B 129 13.60 13.20 -4.25
C VAL B 129 13.96 12.78 -2.84
N HIS B 130 14.21 13.75 -1.97
CA HIS B 130 14.51 13.49 -0.56
C HIS B 130 13.81 14.55 0.28
N ALA B 131 12.66 14.19 0.83
CA ALA B 131 11.80 15.09 1.62
C ALA B 131 11.47 14.42 2.95
N ASN B 132 12.13 14.86 4.02
CA ASN B 132 11.90 14.26 5.34
C ASN B 132 10.49 14.51 5.86
N SER B 133 9.91 15.68 5.53
CA SER B 133 8.57 16.01 6.02
C SER B 133 7.55 15.00 5.54
N TYR B 134 7.72 14.46 4.34
CA TYR B 134 6.86 13.44 3.79
C TYR B 134 7.47 12.05 3.86
N ARG B 135 8.70 11.93 4.39
CA ARG B 135 9.42 10.66 4.53
C ARG B 135 9.61 9.98 3.17
N VAL B 136 10.01 10.76 2.17
CA VAL B 136 10.19 10.26 0.82
C VAL B 136 11.68 10.28 0.47
N ASP B 137 12.19 9.12 0.07
CA ASP B 137 13.50 8.98 -0.55
C ASP B 137 13.28 8.15 -1.81
N ALA B 138 13.33 8.80 -2.97
CA ALA B 138 12.87 8.16 -4.19
C ALA B 138 13.67 8.59 -5.41
N ASP B 139 13.81 7.67 -6.35
CA ASP B 139 14.28 7.96 -7.70
C ASP B 139 13.05 7.90 -8.61
N VAL B 140 12.60 9.06 -9.07
CA VAL B 140 11.33 9.21 -9.78
C VAL B 140 11.66 9.44 -11.24
N VAL B 141 11.35 8.48 -12.10
CA VAL B 141 11.76 8.54 -13.50
C VAL B 141 10.55 8.91 -14.36
N PRO B 142 10.64 9.90 -15.22
CA PRO B 142 9.57 10.17 -16.20
C PRO B 142 9.68 9.22 -17.37
N ALA B 143 8.59 8.52 -17.66
CA ALA B 143 8.52 7.57 -18.75
C ALA B 143 7.30 7.86 -19.59
N ILE B 144 7.28 7.33 -20.80
CA ILE B 144 6.09 7.31 -21.62
C ILE B 144 5.83 5.86 -22.04
N GLN B 145 4.68 5.62 -22.65
CA GLN B 145 4.40 4.25 -23.09
C GLN B 145 5.35 3.82 -24.21
N GLY B 146 5.96 2.65 -24.05
CA GLY B 146 6.83 2.08 -25.06
C GLY B 146 6.23 0.81 -25.65
N ARG B 147 6.45 0.58 -26.94
CA ARG B 147 5.91 -0.58 -27.62
C ARG B 147 7.00 -1.26 -28.44
N LEU B 148 7.02 -2.59 -28.38
CA LEU B 148 7.88 -3.39 -29.23
C LEU B 148 6.99 -4.25 -30.12
N TYR B 149 7.01 -3.98 -31.42
CA TYR B 149 6.16 -4.70 -32.37
C TYR B 149 6.86 -5.98 -32.84
N TYR B 150 6.09 -7.06 -32.94
CA TYR B 150 6.58 -8.34 -33.41
C TYR B 150 5.90 -8.82 -34.69
N ASP B 151 4.97 -8.04 -35.24
CA ASP B 151 4.35 -8.35 -36.53
C ASP B 151 3.79 -7.06 -37.10
N LYS B 152 3.27 -7.13 -38.33
CA LYS B 152 2.72 -5.95 -38.97
C LYS B 152 1.29 -5.64 -38.54
N ASN B 153 0.67 -6.49 -37.71
CA ASN B 153 -0.63 -6.17 -37.14
C ASN B 153 -0.50 -4.99 -36.18
N HIS B 154 -1.56 -4.18 -36.11
CA HIS B 154 -1.50 -2.97 -35.29
C HIS B 154 -1.69 -3.25 -33.81
N ASN B 155 -2.07 -4.46 -33.42
CA ASN B 155 -2.15 -4.84 -32.01
C ASN B 155 -1.04 -5.81 -31.62
N ALA B 156 -0.09 -6.07 -32.52
CA ALA B 156 0.96 -7.06 -32.30
C ALA B 156 2.20 -6.38 -31.71
N PHE B 157 2.07 -5.96 -30.46
CA PHE B 157 3.17 -5.32 -29.75
C PHE B 157 3.12 -5.69 -28.28
N ILE B 158 4.28 -5.63 -27.64
CA ILE B 158 4.44 -5.77 -26.21
C ILE B 158 4.62 -4.37 -25.63
N ARG B 159 3.99 -4.11 -24.49
CA ARG B 159 3.91 -2.78 -23.91
C ARG B 159 4.79 -2.68 -22.67
N GLY B 160 5.61 -1.64 -22.61
CA GLY B 160 6.44 -1.35 -21.45
C GLY B 160 6.58 0.14 -21.31
N THR B 161 7.72 0.58 -20.78
CA THR B 161 7.95 2.01 -20.58
C THR B 161 9.15 2.44 -21.42
N CYS B 162 9.25 3.76 -21.62
CA CYS B 162 10.30 4.32 -22.43
C CYS B 162 10.78 5.62 -21.78
N ILE B 163 12.10 5.74 -21.64
CA ILE B 163 12.77 6.85 -20.97
C ILE B 163 13.65 7.56 -21.98
N LYS B 164 13.64 8.89 -21.97
CA LYS B 164 14.43 9.70 -22.90
C LYS B 164 15.36 10.62 -22.11
N PRO B 165 16.58 10.19 -21.79
CA PRO B 165 17.45 10.99 -20.92
C PRO B 165 17.79 12.34 -21.53
N ASP B 166 18.08 13.30 -20.64
CA ASP B 166 18.40 14.67 -21.08
C ASP B 166 19.54 14.68 -22.08
N SER B 167 20.54 13.82 -21.88
CA SER B 167 21.71 13.78 -22.75
C SER B 167 21.44 13.11 -24.10
N GLY B 168 20.24 12.59 -24.32
CA GLY B 168 19.88 11.98 -25.58
C GLY B 168 19.75 10.46 -25.47
N GLY B 169 19.20 9.89 -26.54
CA GLY B 169 19.01 8.46 -26.62
C GLY B 169 17.63 8.02 -26.16
N THR B 170 17.40 6.71 -26.29
CA THR B 170 16.12 6.11 -25.95
C THR B 170 16.37 4.82 -25.18
N ILE B 171 15.72 4.69 -24.02
CA ILE B 171 15.83 3.49 -23.20
C ILE B 171 14.45 2.85 -23.11
N TYR B 172 14.39 1.55 -23.33
CA TYR B 172 13.16 0.79 -23.13
C TYR B 172 13.29 -0.02 -21.84
N ASN B 173 12.20 -0.03 -21.06
CA ASN B 173 12.12 -0.80 -19.83
C ASN B 173 10.87 -1.68 -19.90
N TRP B 174 10.89 -2.75 -19.11
CA TRP B 174 9.78 -3.71 -19.04
C TRP B 174 9.52 -4.09 -17.58
N PRO B 175 9.10 -3.11 -16.76
CA PRO B 175 8.98 -3.39 -15.30
C PRO B 175 7.90 -4.42 -14.97
N GLU B 176 6.78 -4.44 -15.69
CA GLU B 176 5.76 -5.42 -15.37
C GLU B 176 6.23 -6.83 -15.70
N GLN B 177 6.91 -7.00 -16.83
CA GLN B 177 7.46 -8.32 -17.16
C GLN B 177 8.56 -8.71 -16.17
N ASN B 178 9.42 -7.76 -15.79
CA ASN B 178 10.41 -8.02 -14.75
C ASN B 178 9.74 -8.60 -13.51
N TYR B 179 8.74 -7.88 -12.99
CA TYR B 179 8.08 -8.29 -11.75
C TYR B 179 7.43 -9.66 -11.90
N SER B 180 6.65 -9.86 -12.96
CA SER B 180 5.90 -11.12 -13.09
C SER B 180 6.84 -12.31 -13.26
N ASN B 181 7.89 -12.16 -14.08
CA ASN B 181 8.81 -13.28 -14.26
C ASN B 181 9.57 -13.59 -12.97
N GLY B 182 9.94 -12.55 -12.21
CA GLY B 182 10.58 -12.80 -10.93
C GLY B 182 9.67 -13.53 -9.97
N VAL B 183 8.40 -13.14 -9.93
CA VAL B 183 7.43 -13.82 -9.07
C VAL B 183 7.27 -15.28 -9.49
N ASN B 184 7.20 -15.53 -10.80
CA ASN B 184 7.04 -16.91 -11.28
C ASN B 184 8.22 -17.77 -10.86
N LYS B 185 9.44 -17.28 -11.07
CA LYS B 185 10.61 -18.07 -10.68
C LYS B 185 10.67 -18.23 -9.17
N ASN B 186 10.26 -17.20 -8.41
CA ASN B 186 10.25 -17.33 -6.95
C ASN B 186 9.26 -18.40 -6.50
N LYS B 187 8.12 -18.50 -7.19
CA LYS B 187 7.17 -19.57 -6.87
C LYS B 187 7.75 -20.93 -7.21
N SER B 188 8.33 -21.07 -8.41
CA SER B 188 8.84 -22.39 -8.79
C SER B 188 10.00 -22.84 -7.92
N THR B 189 10.73 -21.91 -7.30
CA THR B 189 11.87 -22.27 -6.46
C THR B 189 11.55 -22.16 -4.97
N GLY B 190 10.29 -22.04 -4.60
CA GLY B 190 9.93 -21.95 -3.19
C GLY B 190 10.58 -20.80 -2.45
N ASN B 191 10.61 -19.62 -3.06
CA ASN B 191 11.17 -18.37 -2.53
C ASN B 191 12.69 -18.35 -2.51
N ARG B 192 13.38 -19.43 -2.92
CA ARG B 192 14.83 -19.44 -2.85
C ARG B 192 15.45 -18.45 -3.83
N PHE B 193 14.80 -18.21 -4.97
CA PHE B 193 15.36 -17.32 -5.99
C PHE B 193 15.68 -15.94 -5.42
N LYS B 194 14.68 -15.28 -4.82
CA LYS B 194 14.92 -13.91 -4.35
C LYS B 194 15.80 -13.87 -3.10
N LEU B 195 15.76 -14.91 -2.26
CA LEU B 195 16.71 -15.00 -1.16
C LEU B 195 18.15 -15.01 -1.69
N ILE B 196 18.40 -15.78 -2.74
CA ILE B 196 19.75 -15.86 -3.28
C ILE B 196 20.12 -14.58 -4.03
N VAL B 197 19.14 -13.96 -4.70
CA VAL B 197 19.39 -12.66 -5.31
C VAL B 197 19.90 -11.68 -4.25
N ARG B 198 19.21 -11.63 -3.11
CA ARG B 198 19.59 -10.70 -2.07
C ARG B 198 20.94 -11.06 -1.46
N ALA B 199 21.20 -12.36 -1.26
CA ALA B 199 22.51 -12.77 -0.75
C ALA B 199 23.65 -12.36 -1.69
N ILE B 200 23.46 -12.55 -3.00
CA ILE B 200 24.52 -12.22 -3.93
C ILE B 200 24.68 -10.71 -4.07
N LYS B 201 23.59 -9.97 -3.99
CA LYS B 201 23.70 -8.51 -3.98
C LYS B 201 24.49 -8.03 -2.76
N ARG B 202 24.23 -8.62 -1.59
CA ARG B 202 25.00 -8.24 -0.42
C ARG B 202 26.45 -8.67 -0.53
N LEU B 203 26.72 -9.82 -1.17
CA LEU B 203 28.11 -10.21 -1.41
C LEU B 203 28.81 -9.19 -2.31
N ARG B 204 28.14 -8.77 -3.39
CA ARG B 204 28.72 -7.77 -4.29
C ARG B 204 29.00 -6.47 -3.55
N ASN B 205 28.05 -6.02 -2.73
CA ASN B 205 28.24 -4.78 -1.98
C ASN B 205 29.38 -4.91 -0.99
N HIS B 206 29.45 -6.05 -0.28
CA HIS B 206 30.56 -6.31 0.62
C HIS B 206 31.90 -6.21 -0.11
N LEU B 207 31.99 -6.87 -1.26
CA LEU B 207 33.25 -6.84 -2.02
C LEU B 207 33.58 -5.43 -2.49
N ALA B 208 32.56 -4.68 -2.94
CA ALA B 208 32.81 -3.34 -3.45
C ALA B 208 33.30 -2.41 -2.35
N GLU B 209 32.72 -2.52 -1.14
CA GLU B 209 33.14 -1.65 -0.06
C GLU B 209 34.52 -2.03 0.48
N LYS B 210 34.97 -3.26 0.23
CA LYS B 210 36.31 -3.68 0.62
C LYS B 210 37.37 -3.36 -0.42
N GLY B 211 37.00 -2.71 -1.52
CA GLY B 211 37.96 -2.24 -2.50
C GLY B 211 38.24 -3.16 -3.67
N TYR B 212 37.45 -4.22 -3.85
CA TYR B 212 37.59 -5.11 -5.01
C TYR B 212 37.01 -4.41 -6.23
N ASN B 213 37.89 -3.97 -7.13
CA ASN B 213 37.47 -3.12 -8.24
C ASN B 213 36.55 -3.82 -9.24
N THR B 214 36.60 -5.15 -9.32
CA THR B 214 35.74 -5.86 -10.26
C THR B 214 34.27 -5.82 -9.88
N ALA B 215 33.96 -5.56 -8.61
CA ALA B 215 32.56 -5.44 -8.18
C ALA B 215 31.95 -4.12 -8.58
N LYS B 216 32.78 -3.10 -8.78
CA LYS B 216 32.30 -1.75 -9.04
C LYS B 216 31.40 -1.66 -10.26
N PRO B 217 31.72 -2.28 -11.42
CA PRO B 217 30.83 -2.13 -12.59
C PRO B 217 29.69 -3.15 -12.64
N ILE B 218 29.40 -3.82 -11.53
CA ILE B 218 28.35 -4.83 -11.50
C ILE B 218 27.17 -4.34 -10.67
N PRO B 219 26.16 -3.72 -11.29
CA PRO B 219 25.04 -3.18 -10.51
C PRO B 219 24.02 -4.24 -10.13
N SER B 220 23.11 -3.84 -9.24
CA SER B 220 22.13 -4.77 -8.67
C SER B 220 21.26 -5.42 -9.74
N TYR B 221 20.74 -4.62 -10.67
CA TYR B 221 19.80 -5.14 -11.66
C TYR B 221 20.47 -6.19 -12.54
N LEU B 222 21.75 -5.99 -12.86
CA LEU B 222 22.49 -6.98 -13.63
C LEU B 222 22.55 -8.32 -12.89
N MET B 223 22.82 -8.27 -11.58
CA MET B 223 22.89 -9.51 -10.80
C MET B 223 21.52 -10.17 -10.67
N GLU B 224 20.47 -9.37 -10.53
CA GLU B 224 19.12 -9.94 -10.50
C GLU B 224 18.84 -10.69 -11.79
N CYS B 225 19.21 -10.10 -12.94
CA CYS B 225 19.04 -10.78 -14.23
C CYS B 225 19.87 -12.06 -14.29
N LEU B 226 21.12 -11.98 -13.88
CA LEU B 226 22.03 -13.13 -13.95
C LEU B 226 21.52 -14.29 -13.10
N VAL B 227 21.10 -14.01 -11.87
CA VAL B 227 20.58 -15.06 -11.01
C VAL B 227 19.27 -15.63 -11.57
N TYR B 228 18.43 -14.77 -12.16
CA TYR B 228 17.21 -15.26 -12.80
C TYR B 228 17.52 -16.27 -13.89
N ILE B 229 18.66 -16.10 -14.58
CA ILE B 229 19.02 -17.00 -15.68
C ILE B 229 19.32 -18.42 -15.17
N VAL B 230 19.81 -18.55 -13.94
CA VAL B 230 20.26 -19.86 -13.44
C VAL B 230 19.07 -20.82 -13.35
N PRO B 231 19.19 -22.05 -13.88
CA PRO B 231 18.06 -22.99 -13.82
C PRO B 231 17.63 -23.31 -12.40
N ASP B 232 16.34 -23.64 -12.25
CA ASP B 232 15.73 -23.82 -10.94
C ASP B 232 16.40 -24.91 -10.12
N GLN B 233 16.94 -25.96 -10.76
CA GLN B 233 17.51 -27.07 -10.01
C GLN B 233 18.60 -26.61 -9.06
N TYR B 234 19.33 -25.55 -9.40
CA TYR B 234 20.44 -25.06 -8.60
C TYR B 234 19.99 -24.25 -7.40
N PHE B 235 18.69 -24.02 -7.23
CA PHE B 235 18.14 -23.34 -6.07
C PHE B 235 17.55 -24.31 -5.05
N THR B 236 17.65 -25.61 -5.29
CA THR B 236 17.11 -26.62 -4.40
C THR B 236 18.08 -26.88 -3.25
N GLY B 237 17.66 -27.74 -2.31
CA GLY B 237 18.51 -28.10 -1.19
C GLY B 237 18.36 -27.16 0.00
N ASP B 238 19.16 -27.45 1.03
CA ASP B 238 19.07 -26.69 2.28
C ASP B 238 20.35 -25.91 2.57
N SER B 239 21.19 -25.67 1.57
CA SER B 239 22.43 -24.93 1.74
C SER B 239 22.39 -23.71 0.83
N TYR B 240 22.27 -22.52 1.43
CA TYR B 240 22.33 -21.29 0.64
C TYR B 240 23.70 -21.12 0.01
N LYS B 241 24.75 -21.52 0.73
CA LYS B 241 26.11 -21.45 0.18
C LYS B 241 26.21 -22.25 -1.11
N THR B 242 25.63 -23.45 -1.12
CA THR B 242 25.66 -24.26 -2.33
C THR B 242 24.86 -23.59 -3.46
N ASN B 243 23.74 -22.94 -3.11
CA ASN B 243 22.99 -22.22 -4.14
C ASN B 243 23.84 -21.13 -4.78
N VAL B 244 24.53 -20.33 -3.94
CA VAL B 244 25.35 -19.24 -4.45
C VAL B 244 26.48 -19.78 -5.33
N GLU B 245 27.15 -20.84 -4.87
CA GLU B 245 28.21 -21.43 -5.66
C GLU B 245 27.69 -21.98 -6.98
N ASN B 246 26.51 -22.60 -6.96
CA ASN B 246 25.90 -23.09 -8.19
C ASN B 246 25.65 -21.95 -9.17
N CYS B 247 25.12 -20.83 -8.67
CA CYS B 247 24.86 -19.69 -9.54
C CYS B 247 26.16 -19.18 -10.16
N ILE B 248 27.19 -18.99 -9.34
CA ILE B 248 28.46 -18.47 -9.86
C ILE B 248 29.04 -19.42 -10.90
N ASN B 249 29.05 -20.72 -10.58
CA ASN B 249 29.60 -21.72 -11.50
C ASN B 249 28.85 -21.74 -12.82
N TYR B 250 27.52 -21.86 -12.75
CA TYR B 250 26.71 -21.91 -13.97
C TYR B 250 26.95 -20.66 -14.82
N LEU B 251 26.90 -19.48 -14.19
CA LEU B 251 27.04 -18.25 -14.96
C LEU B 251 28.41 -18.15 -15.61
N TYR B 252 29.47 -18.46 -14.87
CA TYR B 252 30.81 -18.34 -15.44
C TYR B 252 31.00 -19.33 -16.58
N ASN B 253 30.45 -20.53 -16.46
CA ASN B 253 30.69 -21.54 -17.49
C ASN B 253 29.78 -21.40 -18.70
N GLN B 254 28.65 -20.69 -18.59
CA GLN B 254 27.72 -20.58 -19.69
C GLN B 254 27.74 -19.22 -20.40
N ILE B 255 28.46 -18.22 -19.87
CA ILE B 255 28.26 -16.85 -20.33
C ILE B 255 28.81 -16.64 -21.73
N ASP B 256 29.92 -17.30 -22.06
CA ASP B 256 30.62 -16.99 -23.31
C ASP B 256 29.79 -17.38 -24.53
N SER B 257 29.17 -18.56 -24.51
CA SER B 257 28.34 -19.00 -25.63
C SER B 257 26.90 -18.50 -25.57
N SER B 258 26.51 -17.84 -24.48
CA SER B 258 25.11 -17.50 -24.23
C SER B 258 24.66 -16.29 -25.05
N ASP B 259 23.34 -16.20 -25.25
CA ASP B 259 22.67 -15.00 -25.76
C ASP B 259 21.49 -14.70 -24.81
N TRP B 260 21.83 -14.35 -23.58
CA TRP B 260 20.87 -14.20 -22.51
C TRP B 260 20.06 -12.91 -22.66
N THR B 261 18.86 -12.92 -22.08
CA THR B 261 18.05 -11.73 -21.98
C THR B 261 18.00 -11.25 -20.54
N GLU B 262 17.47 -10.05 -20.35
CA GLU B 262 17.15 -9.57 -19.01
C GLU B 262 16.01 -10.40 -18.42
N ILE B 263 15.69 -10.12 -17.15
CA ILE B 263 14.66 -10.91 -16.47
C ILE B 263 13.31 -10.76 -17.19
N ASN B 264 13.10 -9.64 -17.90
CA ASN B 264 11.88 -9.51 -18.69
C ASN B 264 11.86 -10.45 -19.89
N GLU B 265 13.00 -11.08 -20.23
CA GLU B 265 13.11 -11.99 -21.36
C GLU B 265 12.79 -11.30 -22.69
N ILE B 266 12.92 -9.98 -22.73
CA ILE B 266 12.66 -9.20 -23.93
C ILE B 266 13.94 -8.51 -24.42
N LYS B 267 14.65 -7.84 -23.52
CA LYS B 267 15.88 -7.14 -23.86
C LYS B 267 17.06 -8.08 -23.68
N TYR B 268 17.96 -8.07 -24.65
CA TYR B 268 19.17 -8.87 -24.54
C TYR B 268 20.05 -8.33 -23.42
N LEU B 269 20.62 -9.24 -22.63
CA LEU B 269 21.37 -8.82 -21.45
C LEU B 269 22.68 -8.13 -21.80
N PHE B 270 23.28 -8.45 -22.95
CA PHE B 270 24.55 -7.85 -23.35
C PHE B 270 24.44 -7.25 -24.74
N GLY B 271 25.27 -6.25 -24.99
CA GLY B 271 25.27 -5.55 -26.27
C GLY B 271 25.61 -4.09 -26.07
N SER B 272 25.68 -3.37 -27.19
CA SER B 272 26.05 -1.96 -27.17
C SER B 272 25.03 -1.08 -26.47
N HIS B 273 23.83 -1.59 -26.22
CA HIS B 273 22.80 -0.83 -25.51
C HIS B 273 22.98 -0.89 -24.00
N GLN B 274 23.92 -1.67 -23.49
CA GLN B 274 24.09 -1.85 -22.05
C GLN B 274 25.38 -1.18 -21.57
N MET B 275 25.42 -0.89 -20.27
CA MET B 275 26.59 -0.30 -19.62
C MET B 275 27.60 -1.33 -19.18
N TRP B 276 27.26 -2.62 -19.24
CA TRP B 276 28.10 -3.71 -18.77
C TRP B 276 28.40 -4.66 -19.93
N ASN B 277 29.42 -5.51 -19.75
CA ASN B 277 29.77 -6.49 -20.77
C ASN B 277 30.17 -7.80 -20.11
N LYS B 278 30.31 -8.85 -20.94
CA LYS B 278 30.54 -10.20 -20.41
C LYS B 278 31.87 -10.29 -19.68
N THR B 279 32.89 -9.58 -20.16
CA THR B 279 34.21 -9.64 -19.52
C THR B 279 34.14 -9.13 -18.09
N GLN B 280 33.45 -8.01 -17.87
CA GLN B 280 33.30 -7.49 -16.52
C GLN B 280 32.57 -8.48 -15.62
N VAL B 281 31.49 -9.09 -16.13
CA VAL B 281 30.77 -10.08 -15.34
C VAL B 281 31.69 -11.24 -14.96
N LYS B 282 32.48 -11.74 -15.92
CA LYS B 282 33.36 -12.87 -15.64
C LYS B 282 34.43 -12.51 -14.63
N GLU B 283 35.04 -11.32 -14.77
CA GLU B 283 36.03 -10.90 -13.79
C GLU B 283 35.43 -10.82 -12.40
N PHE B 284 34.22 -10.28 -12.29
CA PHE B 284 33.56 -10.23 -10.98
C PHE B 284 33.26 -11.63 -10.46
N LEU B 285 32.81 -12.54 -11.33
CA LEU B 285 32.48 -13.88 -10.88
C LEU B 285 33.71 -14.58 -10.33
N LEU B 286 34.85 -14.43 -11.01
CA LEU B 286 36.10 -14.97 -10.51
C LEU B 286 36.45 -14.36 -9.16
N THR B 287 36.32 -13.03 -9.04
CA THR B 287 36.61 -12.36 -7.78
C THR B 287 35.77 -12.93 -6.64
N ALA B 288 34.45 -13.05 -6.87
CA ALA B 288 33.54 -13.52 -5.83
C ALA B 288 33.80 -14.97 -5.47
N TRP B 289 34.02 -15.82 -6.47
CA TRP B 289 34.32 -17.23 -6.23
C TRP B 289 35.58 -17.40 -5.39
N SER B 290 36.65 -16.68 -5.77
CA SER B 290 37.90 -16.75 -5.01
C SER B 290 37.70 -16.22 -3.60
N TYR B 291 36.93 -15.14 -3.44
CA TYR B 291 36.73 -14.59 -2.11
C TYR B 291 35.94 -15.54 -1.23
N ILE B 292 35.00 -16.29 -1.81
CA ILE B 292 34.23 -17.22 -0.99
C ILE B 292 35.08 -18.42 -0.63
N GLN B 293 36.07 -18.76 -1.47
CA GLN B 293 36.91 -19.90 -1.14
C GLN B 293 37.95 -19.55 -0.08
N LYS B 294 38.71 -18.47 -0.30
CA LYS B 294 39.80 -18.10 0.60
C LYS B 294 39.30 -17.62 2.00
N ASN B 295 38.02 -17.81 2.35
CA ASN B 295 37.51 -17.40 3.65
C ASN B 295 36.78 -18.54 4.35
#